data_4OZX
#
_entry.id   4OZX
#
_cell.length_a   95.299
_cell.length_b   95.299
_cell.length_c   67.218
_cell.angle_alpha   90.000
_cell.angle_beta   90.000
_cell.angle_gamma   120.000
#
_symmetry.space_group_name_H-M   'P 32 2 1'
#
loop_
_entity.id
_entity.type
_entity.pdbx_description
1 polymer 'Alginate lyase'
2 water water
#
_entity_poly.entity_id   1
_entity_poly.type   'polypeptide(L)'
_entity_poly.pdbx_seq_one_letter_code
;PAPGDKFELSGWSLSVPVDSDNDGKADQIKEKTLAAGYRNSDFFTLSDAGGMVFKAPISGAKTSKNTTYTRSELREMLRK
GDTSIATQGVSRNNWVLSSAPLSEQKKAGGVDGTLEATLSVDHVTTTGVNWQVGRVIIGQIHANNDEPIRLYYRKLPHHQ
KGSVYFAHEPRKGFGDEQWYEMIGTLQPSHGNQTAAPTEPEAGIALGETFSYRIDATGNKLTVTLMREGRPDVVKTVDMS
KSGYSEAGQYLYFKAGVYNQNKTGKPDDYVQATFYRLKATHGAQR
;
_entity_poly.pdbx_strand_id   A
#
# COMPACT_ATOMS: atom_id res chain seq x y z
N PRO A 1 22.52 -0.22 11.31
CA PRO A 1 21.87 0.93 10.69
C PRO A 1 20.55 0.51 10.09
N ALA A 2 19.44 1.01 10.62
CA ALA A 2 18.12 0.51 10.26
C ALA A 2 17.22 1.65 9.81
N PRO A 3 16.09 1.34 9.14
CA PRO A 3 15.23 2.42 8.63
C PRO A 3 14.79 3.44 9.69
N GLY A 4 14.49 2.98 10.90
CA GLY A 4 14.08 3.86 11.98
C GLY A 4 15.12 4.88 12.40
N ASP A 5 16.38 4.66 11.99
CA ASP A 5 17.45 5.61 12.26
C ASP A 5 17.39 6.83 11.33
N LYS A 6 16.74 6.64 10.19
CA LYS A 6 16.68 7.66 9.16
C LYS A 6 15.26 8.18 8.96
N PHE A 7 14.28 7.29 9.14
CA PHE A 7 12.90 7.69 9.02
C PHE A 7 12.23 7.78 10.37
N GLU A 8 11.32 8.73 10.54
CA GLU A 8 10.46 8.76 11.72
C GLU A 8 9.35 7.73 11.56
N LEU A 9 9.44 6.64 12.32
CA LEU A 9 8.53 5.51 12.11
C LEU A 9 7.65 5.24 13.33
N SER A 10 7.57 6.20 14.25
CA SER A 10 6.73 6.02 15.45
C SER A 10 5.26 5.85 15.12
N GLY A 11 4.85 6.41 13.98
CA GLY A 11 3.45 6.37 13.57
C GLY A 11 3.07 5.24 12.62
N TRP A 12 3.90 4.19 12.58
CA TRP A 12 3.62 2.99 11.78
C TRP A 12 3.88 1.72 12.58
N SER A 13 3.16 0.65 12.28
CA SER A 13 3.64 -0.68 12.64
C SER A 13 4.06 -1.40 11.35
N LEU A 14 4.80 -2.50 11.49
CA LEU A 14 5.32 -3.24 10.33
C LEU A 14 4.96 -4.71 10.41
N SER A 15 4.59 -5.31 9.27
CA SER A 15 4.58 -6.77 9.23
C SER A 15 5.55 -7.27 8.17
N VAL A 16 6.31 -8.31 8.52
CA VAL A 16 7.21 -8.99 7.59
C VAL A 16 6.82 -10.46 7.51
N PRO A 17 7.03 -11.08 6.33
CA PRO A 17 6.41 -12.39 6.05
C PRO A 17 7.17 -13.59 6.63
N VAL A 18 7.57 -13.49 7.89
CA VAL A 18 8.14 -14.62 8.62
C VAL A 18 7.29 -14.83 9.88
N ASP A 19 7.13 -16.08 10.30
CA ASP A 19 6.24 -16.43 11.42
C ASP A 19 7.04 -17.02 12.59
N SER A 20 7.44 -16.16 13.52
CA SER A 20 8.36 -16.56 14.59
C SER A 20 7.76 -17.46 15.68
N ASP A 21 6.48 -17.29 16.01
CA ASP A 21 5.88 -18.14 17.04
C ASP A 21 5.14 -19.34 16.43
N ASN A 22 5.25 -19.47 15.11
CA ASN A 22 4.69 -20.62 14.39
C ASN A 22 3.19 -20.76 14.57
N ASP A 23 2.49 -19.62 14.65
CA ASP A 23 1.03 -19.65 14.85
C ASP A 23 0.29 -19.44 13.54
N GLY A 24 1.04 -19.32 12.45
CA GLY A 24 0.45 -19.14 11.14
C GLY A 24 0.22 -17.68 10.79
N LYS A 25 0.68 -16.79 11.66
CA LYS A 25 0.55 -15.35 11.40
C LYS A 25 1.92 -14.71 11.26
N ALA A 26 2.06 -13.84 10.26
CA ALA A 26 3.31 -13.17 10.04
C ALA A 26 3.62 -12.28 11.24
N ASP A 27 4.90 -12.06 11.50
CA ASP A 27 5.32 -11.17 12.57
C ASP A 27 4.75 -9.77 12.44
N GLN A 28 4.43 -9.20 13.61
CA GLN A 28 3.99 -7.82 13.70
C GLN A 28 4.99 -7.08 14.58
N ILE A 29 5.54 -5.99 14.05
CA ILE A 29 6.51 -5.18 14.77
C ILE A 29 5.82 -3.89 15.21
N LYS A 30 5.71 -3.68 16.52
CA LYS A 30 4.97 -2.53 17.05
C LYS A 30 5.72 -1.21 16.82
N GLU A 31 4.99 -0.10 16.90
CA GLU A 31 5.53 1.24 16.63
C GLU A 31 6.86 1.54 17.32
N LYS A 32 6.91 1.34 18.63
CA LYS A 32 8.10 1.68 19.39
C LYS A 32 9.29 0.84 18.95
N THR A 33 9.09 -0.46 18.76
CA THR A 33 10.15 -1.33 18.29
C THR A 33 10.62 -0.94 16.89
N LEU A 34 9.66 -0.64 16.01
CA LEU A 34 9.98 -0.17 14.65
C LEU A 34 10.80 1.12 14.71
N ALA A 35 10.29 2.09 15.46
CA ALA A 35 10.94 3.42 15.50
C ALA A 35 12.34 3.35 16.08
N ALA A 36 12.59 2.35 16.93
CA ALA A 36 13.88 2.25 17.62
C ALA A 36 14.94 1.52 16.80
N GLY A 37 14.58 1.07 15.60
CA GLY A 37 15.55 0.51 14.69
C GLY A 37 15.44 -0.97 14.34
N TYR A 38 14.24 -1.53 14.43
CA TYR A 38 14.03 -2.88 13.91
C TYR A 38 14.56 -2.98 12.48
N ARG A 39 15.22 -4.08 12.18
CA ARG A 39 15.54 -4.41 10.79
C ARG A 39 15.48 -5.93 10.63
N ASN A 40 15.35 -6.37 9.39
CA ASN A 40 15.38 -7.77 9.08
C ASN A 40 16.08 -7.89 7.75
N SER A 41 17.23 -8.55 7.72
CA SER A 41 18.07 -8.53 6.54
C SER A 41 17.37 -9.10 5.32
N ASP A 42 16.34 -9.92 5.53
CA ASP A 42 15.60 -10.52 4.42
C ASP A 42 14.44 -9.69 3.88
N PHE A 43 13.89 -8.79 4.70
CA PHE A 43 12.61 -8.17 4.37
C PHE A 43 12.51 -6.66 4.56
N PHE A 44 13.37 -6.07 5.39
CA PHE A 44 13.18 -4.68 5.81
C PHE A 44 14.52 -4.06 6.24
N THR A 45 15.11 -3.25 5.37
CA THR A 45 16.48 -2.75 5.57
C THR A 45 16.61 -1.30 5.12
N LEU A 46 17.71 -0.66 5.56
CA LEU A 46 18.09 0.66 5.10
C LEU A 46 19.20 0.54 4.07
N SER A 47 18.95 1.05 2.86
CA SER A 47 19.94 0.96 1.81
C SER A 47 21.06 1.97 2.04
N ASP A 48 22.17 1.79 1.34
CA ASP A 48 23.29 2.73 1.42
C ASP A 48 22.88 4.13 0.98
N ALA A 49 21.90 4.22 0.08
CA ALA A 49 21.42 5.51 -0.41
C ALA A 49 20.32 6.09 0.46
N GLY A 50 20.09 5.49 1.63
CA GLY A 50 19.14 6.02 2.60
C GLY A 50 17.69 5.69 2.31
N GLY A 51 17.45 4.61 1.59
CA GLY A 51 16.09 4.20 1.29
C GLY A 51 15.63 3.05 2.16
N MET A 52 14.32 3.01 2.39
CA MET A 52 13.69 1.98 3.22
C MET A 52 13.26 0.86 2.27
N VAL A 53 13.93 -0.29 2.38
CA VAL A 53 13.78 -1.37 1.40
C VAL A 53 12.87 -2.46 1.93
N PHE A 54 11.73 -2.66 1.25
CA PHE A 54 10.78 -3.71 1.61
C PHE A 54 10.90 -4.86 0.64
N LYS A 55 10.96 -6.09 1.15
CA LYS A 55 11.06 -7.25 0.26
C LYS A 55 10.11 -8.35 0.75
N ALA A 56 9.34 -8.94 -0.16
CA ALA A 56 8.48 -10.05 0.23
C ALA A 56 8.52 -11.15 -0.83
N PRO A 57 9.09 -12.32 -0.49
CA PRO A 57 9.02 -13.47 -1.41
C PRO A 57 7.60 -14.01 -1.56
N ILE A 58 7.38 -14.81 -2.60
CA ILE A 58 6.06 -15.38 -2.88
C ILE A 58 5.64 -16.28 -1.72
N SER A 59 6.55 -17.14 -1.31
CA SER A 59 6.29 -18.04 -0.21
C SER A 59 6.67 -17.40 1.11
N GLY A 60 5.76 -17.44 2.07
CA GLY A 60 6.06 -16.93 3.40
C GLY A 60 4.81 -16.80 4.23
N ALA A 61 4.98 -16.41 5.49
CA ALA A 61 3.84 -16.25 6.39
C ALA A 61 2.91 -15.14 5.92
N LYS A 62 1.60 -15.33 6.11
CA LYS A 62 0.61 -14.32 5.79
C LYS A 62 0.19 -13.61 7.06
N THR A 63 -0.34 -12.38 6.94
CA THR A 63 -0.71 -11.64 8.14
C THR A 63 -1.91 -12.30 8.88
N SER A 64 -2.82 -12.90 8.11
CA SER A 64 -3.93 -13.65 8.69
C SER A 64 -4.55 -14.53 7.62
N LYS A 65 -5.61 -15.25 7.97
CA LYS A 65 -6.31 -16.10 7.01
C LYS A 65 -7.11 -15.27 6.02
N ASN A 66 -7.22 -13.98 6.28
CA ASN A 66 -8.00 -13.09 5.43
C ASN A 66 -7.29 -12.69 4.14
N THR A 67 -6.00 -13.03 4.03
CA THR A 67 -5.26 -12.81 2.78
C THR A 67 -4.49 -14.04 2.34
N THR A 68 -4.24 -14.16 1.05
CA THR A 68 -3.46 -15.28 0.54
C THR A 68 -2.12 -14.83 -0.05
N TYR A 69 -1.74 -13.59 0.24
CA TYR A 69 -0.52 -13.03 -0.31
C TYR A 69 0.41 -12.49 0.78
N THR A 70 1.72 -12.61 0.56
CA THR A 70 2.74 -12.11 1.52
C THR A 70 2.93 -10.59 1.39
N ARG A 71 3.51 -9.99 2.42
CA ARG A 71 3.80 -8.57 2.37
C ARG A 71 4.94 -8.21 3.30
N SER A 72 5.61 -7.12 2.97
CA SER A 72 6.45 -6.43 3.92
C SER A 72 5.99 -4.98 3.85
N GLU A 73 5.24 -4.52 4.85
CA GLU A 73 4.40 -3.36 4.64
C GLU A 73 4.09 -2.67 5.96
N LEU A 74 3.99 -1.35 5.91
CA LEU A 74 3.67 -0.55 7.08
C LEU A 74 2.18 -0.32 7.22
N ARG A 75 1.73 -0.23 8.47
CA ARG A 75 0.35 0.04 8.82
C ARG A 75 0.32 1.33 9.64
N GLU A 76 -0.43 2.33 9.18
CA GLU A 76 -0.45 3.62 9.85
C GLU A 76 -1.07 3.51 11.26
N MET A 77 -0.33 4.03 12.26
CA MET A 77 -0.72 3.96 13.66
C MET A 77 -0.62 5.34 14.30
N LEU A 78 -1.70 6.11 14.24
CA LEU A 78 -1.68 7.49 14.73
C LEU A 78 -1.50 7.57 16.25
N ARG A 79 -1.68 6.44 16.93
CA ARG A 79 -1.51 6.38 18.38
C ARG A 79 -0.04 6.39 18.79
N LYS A 80 0.85 6.08 17.85
CA LYS A 80 2.29 6.10 18.06
C LYS A 80 2.75 5.38 19.32
N GLY A 81 2.27 4.16 19.51
CA GLY A 81 2.75 3.33 20.61
C GLY A 81 1.96 3.43 21.90
N ASP A 82 1.07 4.42 21.98
CA ASP A 82 0.19 4.58 23.13
C ASP A 82 -0.87 3.48 23.17
N THR A 83 -0.61 2.45 23.96
CA THR A 83 -1.45 1.26 23.95
C THR A 83 -2.83 1.45 24.61
N SER A 84 -3.07 2.61 25.21
CA SER A 84 -4.39 2.88 25.78
C SER A 84 -5.37 3.30 24.68
N ILE A 85 -4.84 3.47 23.46
CA ILE A 85 -5.67 3.86 22.33
C ILE A 85 -5.92 2.63 21.46
N ALA A 86 -7.19 2.35 21.16
CA ALA A 86 -7.56 1.17 20.40
C ALA A 86 -6.97 1.21 18.99
N THR A 87 -6.40 0.08 18.56
CA THR A 87 -5.83 -0.02 17.23
C THR A 87 -6.91 0.09 16.16
N GLN A 88 -8.05 -0.54 16.43
CA GLN A 88 -9.17 -0.54 15.50
C GLN A 88 -10.31 0.34 16.00
N GLY A 89 -11.16 0.77 15.07
CA GLY A 89 -12.32 1.56 15.42
C GLY A 89 -12.10 3.05 15.20
N VAL A 90 -13.16 3.84 15.37
CA VAL A 90 -13.00 5.29 15.25
C VAL A 90 -12.37 5.76 16.55
N SER A 91 -11.05 5.70 16.60
CA SER A 91 -10.28 6.06 17.78
C SER A 91 -9.18 7.03 17.35
N ARG A 92 -8.36 7.44 18.30
CA ARG A 92 -7.23 8.33 18.00
C ARG A 92 -6.16 7.69 17.11
N ASN A 93 -6.26 6.38 16.90
CA ASN A 93 -5.27 5.68 16.08
C ASN A 93 -5.56 5.76 14.58
N ASN A 94 -6.79 6.07 14.22
CA ASN A 94 -7.22 6.04 12.84
C ASN A 94 -7.80 7.37 12.42
N TRP A 95 -8.14 7.50 11.15
CA TRP A 95 -8.77 8.73 10.69
C TRP A 95 -10.07 8.46 9.96
N VAL A 96 -10.87 9.52 9.79
CA VAL A 96 -12.14 9.42 9.10
C VAL A 96 -12.21 10.51 8.05
N LEU A 97 -13.21 10.44 7.19
CA LEU A 97 -13.39 11.45 6.15
C LEU A 97 -14.09 12.67 6.75
N SER A 98 -13.91 13.83 6.11
CA SER A 98 -14.57 15.06 6.54
C SER A 98 -16.05 15.03 6.17
N SER A 99 -16.44 14.01 5.41
CA SER A 99 -17.84 13.78 5.06
C SER A 99 -18.53 12.85 6.07
N ALA A 100 -17.75 12.36 7.04
CA ALA A 100 -18.29 11.54 8.12
C ALA A 100 -19.01 12.41 9.15
N PRO A 101 -19.87 11.81 9.99
CA PRO A 101 -20.55 12.62 11.00
C PRO A 101 -19.58 13.36 11.91
N LEU A 102 -19.95 14.57 12.32
CA LEU A 102 -19.09 15.37 13.17
C LEU A 102 -18.67 14.59 14.40
N SER A 103 -19.59 13.76 14.90
CA SER A 103 -19.33 13.01 16.12
C SER A 103 -18.22 11.98 15.94
N GLU A 104 -18.11 11.42 14.74
CA GLU A 104 -17.01 10.51 14.44
C GLU A 104 -15.70 11.27 14.32
N GLN A 105 -15.73 12.39 13.61
CA GLN A 105 -14.56 13.25 13.46
C GLN A 105 -13.95 13.61 14.82
N LYS A 106 -14.80 13.90 15.80
CA LYS A 106 -14.33 14.29 17.13
C LYS A 106 -13.59 13.15 17.87
N LYS A 107 -13.90 11.90 17.51
CA LYS A 107 -13.27 10.75 18.15
C LYS A 107 -12.02 10.26 17.43
N ALA A 108 -11.85 10.67 16.18
CA ALA A 108 -10.79 10.16 15.32
C ALA A 108 -9.45 10.84 15.58
N GLY A 109 -8.37 10.22 15.10
CA GLY A 109 -7.05 10.78 15.24
C GLY A 109 -6.73 11.76 14.12
N GLY A 110 -7.61 11.81 13.13
CA GLY A 110 -7.43 12.70 12.00
C GLY A 110 -8.66 12.76 11.11
N VAL A 111 -8.74 13.81 10.30
CA VAL A 111 -9.86 13.99 9.40
C VAL A 111 -9.32 14.24 7.98
N ASP A 112 -9.76 13.40 7.06
CA ASP A 112 -9.18 13.28 5.71
C ASP A 112 -7.71 12.89 5.76
N GLY A 113 -7.10 12.70 4.60
CA GLY A 113 -5.73 12.21 4.59
C GLY A 113 -5.01 12.27 3.26
N THR A 114 -3.69 12.31 3.36
CA THR A 114 -2.84 12.35 2.19
C THR A 114 -1.62 11.48 2.45
N LEU A 115 -1.35 10.54 1.53
CA LEU A 115 -0.15 9.72 1.62
C LEU A 115 0.78 10.06 0.45
N GLU A 116 2.02 10.42 0.74
CA GLU A 116 3.00 10.75 -0.28
C GLU A 116 4.21 9.84 -0.18
N ALA A 117 4.64 9.31 -1.31
CA ALA A 117 5.82 8.44 -1.32
C ALA A 117 6.68 8.75 -2.52
N THR A 118 7.99 8.63 -2.33
CA THR A 118 8.94 8.62 -3.42
C THR A 118 9.69 7.31 -3.35
N LEU A 119 9.73 6.59 -4.46
CA LEU A 119 10.21 5.21 -4.41
C LEU A 119 10.75 4.71 -5.74
N SER A 120 11.42 3.56 -5.69
CA SER A 120 11.60 2.76 -6.88
C SER A 120 11.03 1.38 -6.62
N VAL A 121 10.47 0.78 -7.67
CA VAL A 121 10.18 -0.66 -7.63
C VAL A 121 11.40 -1.36 -8.18
N ASP A 122 12.02 -2.21 -7.36
CA ASP A 122 13.33 -2.75 -7.69
C ASP A 122 13.21 -4.08 -8.39
N HIS A 123 12.20 -4.86 -8.02
CA HIS A 123 12.06 -6.20 -8.56
C HIS A 123 10.63 -6.65 -8.39
N VAL A 124 10.07 -7.33 -9.40
CA VAL A 124 8.75 -7.96 -9.21
C VAL A 124 8.86 -9.42 -9.64
N THR A 125 7.84 -10.23 -9.33
CA THR A 125 7.93 -11.64 -9.68
C THR A 125 7.96 -11.83 -11.20
N THR A 126 8.65 -12.87 -11.64
CA THR A 126 8.78 -13.17 -13.07
C THR A 126 8.29 -14.59 -13.35
N THR A 127 7.73 -15.20 -12.32
CA THR A 127 7.18 -16.56 -12.39
C THR A 127 5.77 -16.57 -11.79
N GLY A 128 4.98 -17.58 -12.17
CA GLY A 128 3.62 -17.67 -11.67
C GLY A 128 2.58 -17.68 -12.77
N VAL A 129 1.30 -17.75 -12.40
CA VAL A 129 0.25 -17.77 -13.42
C VAL A 129 0.18 -16.39 -14.07
N ASN A 130 -0.36 -16.35 -15.29
CA ASN A 130 -0.19 -15.18 -16.14
C ASN A 130 -0.94 -13.96 -15.65
N TRP A 131 -1.97 -14.14 -14.81
CA TRP A 131 -2.70 -12.98 -14.30
C TRP A 131 -2.16 -12.46 -12.95
N GLN A 132 -1.19 -13.17 -12.37
CA GLN A 132 -0.57 -12.76 -11.09
C GLN A 132 0.83 -12.18 -11.28
N VAL A 133 1.56 -12.74 -12.24
CA VAL A 133 2.98 -12.43 -12.38
C VAL A 133 3.25 -10.91 -12.48
N GLY A 134 4.26 -10.44 -11.75
CA GLY A 134 4.76 -9.08 -11.89
C GLY A 134 4.02 -8.02 -11.07
N ARG A 135 3.04 -8.43 -10.27
CA ARG A 135 2.18 -7.47 -9.54
C ARG A 135 2.63 -7.19 -8.11
N VAL A 136 2.59 -5.92 -7.73
CA VAL A 136 2.88 -5.51 -6.35
C VAL A 136 2.03 -4.28 -5.99
N ILE A 137 1.45 -4.31 -4.79
CA ILE A 137 0.72 -3.16 -4.26
C ILE A 137 1.68 -2.35 -3.39
N ILE A 138 1.76 -1.05 -3.66
CA ILE A 138 2.76 -0.18 -3.06
C ILE A 138 2.17 0.92 -2.16
N GLY A 139 0.85 0.99 -2.12
CA GLY A 139 0.18 1.92 -1.23
C GLY A 139 -1.30 1.60 -1.15
N GLN A 140 -1.90 1.83 0.02
CA GLN A 140 -3.33 1.55 0.20
C GLN A 140 -3.98 2.51 1.17
N ILE A 141 -5.29 2.65 1.03
CA ILE A 141 -6.14 3.03 2.15
C ILE A 141 -6.98 1.81 2.52
N HIS A 142 -6.94 1.44 3.79
CA HIS A 142 -7.74 0.33 4.28
C HIS A 142 -8.79 0.85 5.27
N ALA A 143 -9.92 0.16 5.34
CA ALA A 143 -10.99 0.50 6.28
C ALA A 143 -11.25 -0.67 7.21
N ASN A 144 -12.41 -0.69 7.88
CA ASN A 144 -12.75 -1.76 8.84
C ASN A 144 -12.55 -3.13 8.19
N ASN A 145 -13.16 -3.30 7.03
CA ASN A 145 -13.22 -4.60 6.36
C ASN A 145 -12.84 -4.53 4.88
N ASP A 146 -12.99 -3.36 4.29
CA ASP A 146 -12.80 -3.25 2.85
C ASP A 146 -11.64 -2.29 2.50
N GLU A 147 -11.37 -2.12 1.21
CA GLU A 147 -10.22 -1.33 0.76
C GLU A 147 -10.57 -0.16 -0.17
N PRO A 148 -10.70 1.03 0.39
CA PRO A 148 -10.97 2.22 -0.43
C PRO A 148 -9.95 2.38 -1.58
N ILE A 149 -8.68 2.06 -1.38
CA ILE A 149 -7.77 2.05 -2.52
C ILE A 149 -6.60 1.09 -2.36
N ARG A 150 -6.25 0.42 -3.46
CA ARG A 150 -5.02 -0.36 -3.54
C ARG A 150 -4.30 0.09 -4.80
N LEU A 151 -3.07 0.58 -4.65
CA LEU A 151 -2.31 1.09 -5.78
C LEU A 151 -1.27 0.05 -6.22
N TYR A 152 -1.35 -0.35 -7.49
CA TYR A 152 -0.53 -1.41 -8.07
C TYR A 152 0.55 -0.90 -9.01
N TYR A 153 1.71 -1.55 -8.97
CA TYR A 153 2.70 -1.49 -10.05
C TYR A 153 2.70 -2.88 -10.65
N ARG A 154 2.77 -2.98 -11.98
CA ARG A 154 2.89 -4.28 -12.61
C ARG A 154 3.79 -4.25 -13.84
N LYS A 155 4.77 -5.15 -13.86
CA LYS A 155 5.66 -5.31 -15.01
C LYS A 155 5.65 -6.77 -15.42
N LEU A 156 5.40 -7.03 -16.70
CA LEU A 156 5.44 -8.40 -17.21
C LEU A 156 6.88 -8.83 -17.49
N PRO A 157 7.17 -10.15 -17.41
CA PRO A 157 8.55 -10.64 -17.49
C PRO A 157 9.24 -10.27 -18.81
N HIS A 158 8.46 -10.18 -19.88
CA HIS A 158 9.02 -9.92 -21.21
C HIS A 158 8.97 -8.45 -21.60
N HIS A 159 8.56 -7.58 -20.67
CA HIS A 159 8.58 -6.14 -20.89
C HIS A 159 9.75 -5.50 -20.14
N GLN A 160 10.18 -4.32 -20.58
CA GLN A 160 11.20 -3.57 -19.85
C GLN A 160 10.57 -2.57 -18.91
N LYS A 161 9.33 -2.19 -19.20
CA LYS A 161 8.65 -1.12 -18.45
C LYS A 161 7.35 -1.64 -17.84
N GLY A 162 6.94 -1.05 -16.73
CA GLY A 162 5.77 -1.50 -16.01
C GLY A 162 4.62 -0.50 -15.98
N SER A 163 3.44 -1.01 -15.62
CA SER A 163 2.22 -0.22 -15.59
C SER A 163 1.86 0.19 -14.17
N VAL A 164 1.04 1.24 -14.03
CA VAL A 164 0.50 1.62 -12.73
C VAL A 164 -1.02 1.78 -12.81
N TYR A 165 -1.73 1.12 -11.91
CA TYR A 165 -3.19 1.19 -11.86
C TYR A 165 -3.68 1.05 -10.43
N PHE A 166 -4.93 1.40 -10.17
CA PHE A 166 -5.45 1.15 -8.83
C PHE A 166 -6.90 0.68 -8.85
N ALA A 167 -7.28 0.02 -7.76
CA ALA A 167 -8.66 -0.34 -7.49
C ALA A 167 -9.27 0.59 -6.43
N HIS A 168 -10.51 1.00 -6.65
CA HIS A 168 -11.34 1.54 -5.59
C HIS A 168 -12.43 0.52 -5.32
N GLU A 169 -12.44 -0.05 -4.12
CA GLU A 169 -13.42 -1.08 -3.77
C GLU A 169 -14.45 -0.51 -2.80
N PRO A 170 -15.69 -0.31 -3.26
CA PRO A 170 -16.71 0.09 -2.29
C PRO A 170 -16.87 -0.97 -1.21
N ARG A 171 -17.37 -0.58 -0.04
CA ARG A 171 -17.76 -1.58 0.97
C ARG A 171 -18.65 -2.65 0.33
N LYS A 172 -18.55 -3.88 0.83
CA LYS A 172 -19.41 -4.96 0.35
C LYS A 172 -20.88 -4.56 0.36
N GLY A 173 -21.56 -4.73 -0.76
CA GLY A 173 -22.96 -4.37 -0.91
C GLY A 173 -23.19 -2.94 -1.41
N PHE A 174 -22.14 -2.14 -1.43
CA PHE A 174 -22.26 -0.74 -1.87
C PHE A 174 -21.83 -0.55 -3.33
N GLY A 175 -21.60 -1.64 -4.05
CA GLY A 175 -21.24 -1.55 -5.46
C GLY A 175 -20.00 -2.34 -5.85
N ASP A 176 -19.86 -2.58 -7.15
CA ASP A 176 -18.76 -3.37 -7.68
C ASP A 176 -17.41 -2.65 -7.57
N GLU A 177 -16.35 -3.44 -7.42
CA GLU A 177 -14.99 -2.92 -7.48
C GLU A 177 -14.74 -2.14 -8.77
N GLN A 178 -14.07 -0.99 -8.66
CA GLN A 178 -13.74 -0.13 -9.80
C GLN A 178 -12.23 -0.15 -10.07
N TRP A 179 -11.83 -0.30 -11.33
CA TRP A 179 -10.41 -0.34 -11.68
C TRP A 179 -10.03 0.87 -12.52
N TYR A 180 -8.88 1.47 -12.23
CA TYR A 180 -8.45 2.65 -12.94
C TYR A 180 -7.01 2.51 -13.42
N GLU A 181 -6.83 2.48 -14.73
CA GLU A 181 -5.49 2.38 -15.30
C GLU A 181 -4.92 3.77 -15.50
N MET A 182 -3.73 4.01 -14.93
CA MET A 182 -3.12 5.34 -14.97
C MET A 182 -1.95 5.40 -15.95
N ILE A 183 -1.16 4.33 -15.98
CA ILE A 183 -0.03 4.19 -16.91
C ILE A 183 -0.05 2.75 -17.39
N GLY A 184 -0.03 2.53 -18.69
CA GLY A 184 -0.14 1.18 -19.22
C GLY A 184 -1.45 0.50 -18.86
N THR A 185 -1.42 -0.81 -18.67
CA THR A 185 -2.63 -1.58 -18.41
C THR A 185 -2.43 -2.63 -17.32
N LEU A 186 -3.53 -3.17 -16.81
CA LEU A 186 -3.45 -4.22 -15.81
C LEU A 186 -3.47 -5.62 -16.44
N GLN A 187 -3.53 -5.66 -17.77
CA GLN A 187 -3.63 -6.95 -18.48
C GLN A 187 -2.33 -7.74 -18.46
N PRO A 188 -2.41 -9.08 -18.51
CA PRO A 188 -3.64 -9.89 -18.55
C PRO A 188 -4.28 -10.08 -17.18
N SER A 189 -5.61 -10.02 -17.16
CA SER A 189 -6.35 -10.13 -15.92
C SER A 189 -6.94 -11.53 -15.78
N HIS A 190 -7.40 -11.85 -14.57
CA HIS A 190 -8.06 -13.13 -14.33
C HIS A 190 -9.23 -13.30 -15.31
N GLY A 191 -9.92 -12.18 -15.58
CA GLY A 191 -11.05 -12.12 -16.49
C GLY A 191 -10.80 -12.45 -17.95
N ASN A 192 -9.64 -12.07 -18.50
CA ASN A 192 -9.26 -12.63 -19.81
C ASN A 192 -7.74 -12.80 -19.90
N GLN A 193 -7.35 -14.04 -19.65
CA GLN A 193 -5.95 -14.42 -19.55
C GLN A 193 -5.30 -14.60 -20.92
N THR A 194 -6.11 -14.44 -21.97
CA THR A 194 -5.60 -14.57 -23.34
C THR A 194 -5.04 -13.24 -23.82
N ALA A 195 -5.21 -12.19 -23.01
CA ALA A 195 -4.69 -10.87 -23.34
C ALA A 195 -3.17 -10.92 -23.52
N ALA A 196 -2.67 -10.07 -24.41
CA ALA A 196 -1.23 -10.03 -24.70
C ALA A 196 -0.78 -8.60 -24.97
N PRO A 197 -0.79 -7.77 -23.92
CA PRO A 197 -0.45 -6.35 -24.05
C PRO A 197 0.98 -6.13 -24.51
N THR A 198 1.20 -5.07 -25.27
CA THR A 198 2.55 -4.70 -25.66
C THR A 198 3.17 -3.85 -24.55
N GLU A 199 4.48 -3.66 -24.63
CA GLU A 199 5.19 -2.84 -23.66
C GLU A 199 4.56 -1.47 -23.53
N PRO A 200 4.22 -1.08 -22.28
CA PRO A 200 3.72 0.28 -22.03
C PRO A 200 4.82 1.30 -22.31
N GLU A 201 4.66 2.07 -23.37
CA GLU A 201 5.74 2.96 -23.80
C GLU A 201 5.96 4.06 -22.77
N ALA A 202 4.89 4.43 -22.08
CA ALA A 202 5.00 5.45 -21.04
C ALA A 202 5.29 4.81 -19.68
N GLY A 203 5.62 3.52 -19.69
CA GLY A 203 5.79 2.76 -18.46
C GLY A 203 6.98 3.16 -17.60
N ILE A 204 7.03 2.58 -16.40
CA ILE A 204 8.08 2.86 -15.42
C ILE A 204 8.97 1.62 -15.28
N ALA A 205 10.28 1.83 -15.42
CA ALA A 205 11.25 0.74 -15.40
C ALA A 205 11.60 0.34 -13.95
N LEU A 206 12.12 -0.87 -13.76
CA LEU A 206 12.63 -1.26 -12.45
C LEU A 206 13.79 -0.35 -12.09
N GLY A 207 13.79 0.19 -10.87
CA GLY A 207 14.87 1.04 -10.43
C GLY A 207 14.66 2.51 -10.75
N GLU A 208 13.62 2.84 -11.52
CA GLU A 208 13.34 4.23 -11.88
C GLU A 208 12.56 4.93 -10.78
N THR A 209 13.07 6.07 -10.35
CA THR A 209 12.42 6.80 -9.26
C THR A 209 11.11 7.46 -9.73
N PHE A 210 10.05 7.30 -8.94
CA PHE A 210 8.80 8.01 -9.19
C PHE A 210 8.13 8.28 -7.85
N SER A 211 7.08 9.10 -7.87
CA SER A 211 6.36 9.45 -6.65
C SER A 211 4.88 9.23 -6.84
N TYR A 212 4.18 8.93 -5.75
CA TYR A 212 2.73 8.96 -5.79
C TYR A 212 2.15 9.81 -4.68
N ARG A 213 0.90 10.21 -4.89
CA ARG A 213 0.14 10.88 -3.87
C ARG A 213 -1.26 10.26 -3.83
N ILE A 214 -1.69 9.85 -2.64
CA ILE A 214 -3.04 9.31 -2.48
C ILE A 214 -3.78 10.21 -1.52
N ASP A 215 -4.77 10.93 -2.02
CA ASP A 215 -5.51 11.87 -1.20
C ASP A 215 -6.98 11.49 -1.09
N ALA A 216 -7.47 11.58 0.13
CA ALA A 216 -8.89 11.40 0.39
C ALA A 216 -9.38 12.66 1.07
N THR A 217 -10.22 13.42 0.37
CA THR A 217 -10.81 14.62 0.93
C THR A 217 -12.33 14.50 0.81
N GLY A 218 -13.01 14.32 1.93
CA GLY A 218 -14.44 14.01 1.88
C GLY A 218 -14.60 12.76 1.04
N ASN A 219 -15.61 12.73 0.17
CA ASN A 219 -15.84 11.56 -0.66
C ASN A 219 -15.05 11.60 -1.97
N LYS A 220 -14.04 12.45 -2.05
CA LYS A 220 -13.26 12.56 -3.26
C LYS A 220 -11.91 11.92 -3.07
N LEU A 221 -11.57 10.98 -3.95
CA LEU A 221 -10.29 10.29 -3.89
C LEU A 221 -9.45 10.80 -5.06
N THR A 222 -8.25 11.28 -4.78
CA THR A 222 -7.37 11.73 -5.86
C THR A 222 -6.06 10.96 -5.82
N VAL A 223 -5.71 10.33 -6.94
CA VAL A 223 -4.42 9.61 -7.04
C VAL A 223 -3.53 10.29 -8.07
N THR A 224 -2.31 10.63 -7.67
CA THR A 224 -1.38 11.36 -8.53
C THR A 224 -0.08 10.61 -8.67
N LEU A 225 0.37 10.42 -9.91
CA LEU A 225 1.67 9.81 -10.17
C LEU A 225 2.59 10.87 -10.73
N MET A 226 3.77 11.00 -10.13
CA MET A 226 4.73 12.03 -10.52
C MET A 226 6.07 11.43 -10.92
N ARG A 227 6.62 11.95 -12.01
CA ARG A 227 7.94 11.60 -12.49
C ARG A 227 8.68 12.90 -12.86
N GLU A 228 9.88 13.08 -12.31
CA GLU A 228 10.65 14.28 -12.58
C GLU A 228 10.77 14.56 -14.07
N GLY A 229 10.47 15.80 -14.46
CA GLY A 229 10.55 16.19 -15.86
C GLY A 229 9.36 15.84 -16.74
N ARG A 230 8.37 15.14 -16.17
CA ARG A 230 7.18 14.75 -16.94
C ARG A 230 5.90 15.30 -16.29
N PRO A 231 4.83 15.42 -17.08
CA PRO A 231 3.58 15.89 -16.46
C PRO A 231 3.00 14.85 -15.50
N ASP A 232 2.38 15.32 -14.42
CA ASP A 232 1.65 14.46 -13.48
C ASP A 232 0.58 13.63 -14.20
N VAL A 233 0.38 12.39 -13.74
CA VAL A 233 -0.79 11.61 -14.14
C VAL A 233 -1.76 11.62 -12.95
N VAL A 234 -3.01 12.06 -13.20
CA VAL A 234 -3.96 12.29 -12.13
C VAL A 234 -5.28 11.60 -12.44
N LYS A 235 -5.87 10.97 -11.42
CA LYS A 235 -7.18 10.35 -11.57
C LYS A 235 -8.02 10.69 -10.35
N THR A 236 -9.27 11.13 -10.57
CA THR A 236 -10.13 11.46 -9.46
C THR A 236 -11.34 10.54 -9.43
N VAL A 237 -11.71 10.09 -8.23
CA VAL A 237 -12.80 9.12 -8.07
C VAL A 237 -13.78 9.58 -7.01
N ASP A 238 -15.06 9.55 -7.37
CA ASP A 238 -16.12 9.90 -6.45
C ASP A 238 -16.53 8.70 -5.60
N MET A 239 -16.28 8.78 -4.30
CA MET A 239 -16.60 7.68 -3.37
C MET A 239 -17.93 7.87 -2.63
N SER A 240 -18.79 8.78 -3.10
CA SER A 240 -19.97 9.15 -2.32
C SER A 240 -20.94 7.99 -2.12
N LYS A 241 -20.93 7.01 -3.02
CA LYS A 241 -21.81 5.85 -2.90
C LYS A 241 -21.13 4.59 -2.34
N SER A 242 -19.90 4.73 -1.85
CA SER A 242 -19.08 3.58 -1.43
C SER A 242 -19.20 3.22 0.07
N GLY A 243 -19.83 4.08 0.85
CA GLY A 243 -20.12 3.78 2.24
C GLY A 243 -19.07 4.12 3.28
N TYR A 244 -17.98 4.79 2.86
CA TYR A 244 -16.85 5.00 3.78
C TYR A 244 -17.02 6.24 4.67
N SER A 245 -18.10 6.99 4.46
CA SER A 245 -18.43 8.13 5.32
C SER A 245 -19.45 7.77 6.41
N GLU A 246 -19.90 6.52 6.42
CA GLU A 246 -20.89 6.09 7.41
C GLU A 246 -20.27 6.08 8.78
N ALA A 247 -21.10 6.32 9.80
CA ALA A 247 -20.67 6.18 11.19
C ALA A 247 -20.01 4.83 11.40
N GLY A 248 -18.94 4.80 12.19
CA GLY A 248 -18.27 3.56 12.51
C GLY A 248 -17.15 3.18 11.57
N GLN A 249 -17.12 3.74 10.37
CA GLN A 249 -16.02 3.46 9.46
C GLN A 249 -14.74 4.20 9.90
N TYR A 250 -13.61 3.51 9.88
CA TYR A 250 -12.32 4.14 10.16
C TYR A 250 -11.35 3.80 9.04
N LEU A 251 -10.36 4.67 8.84
CA LEU A 251 -9.41 4.49 7.76
C LEU A 251 -7.97 4.50 8.26
N TYR A 252 -7.09 3.84 7.53
CA TYR A 252 -5.66 3.97 7.76
C TYR A 252 -4.90 3.68 6.49
N PHE A 253 -3.77 4.36 6.31
CA PHE A 253 -2.90 4.12 5.18
C PHE A 253 -2.03 2.89 5.36
N LYS A 254 -1.62 2.29 4.24
CA LYS A 254 -0.58 1.27 4.27
C LYS A 254 0.41 1.57 3.15
N ALA A 255 1.68 1.21 3.33
CA ALA A 255 2.69 1.41 2.29
C ALA A 255 3.83 0.44 2.46
N GLY A 256 4.39 -0.03 1.34
CA GLY A 256 5.52 -0.94 1.35
C GLY A 256 5.37 -1.83 0.11
N VAL A 257 5.53 -3.13 0.27
CA VAL A 257 5.20 -4.07 -0.81
C VAL A 257 4.25 -5.16 -0.31
N TYR A 258 3.23 -5.40 -1.12
CA TYR A 258 2.22 -6.42 -0.87
C TYR A 258 2.22 -7.28 -2.15
N ASN A 259 2.81 -8.46 -2.06
CA ASN A 259 3.10 -9.32 -3.21
C ASN A 259 1.86 -10.05 -3.73
N GLN A 260 1.34 -9.65 -4.88
CA GLN A 260 0.09 -10.23 -5.36
C GLN A 260 0.32 -11.45 -6.26
N ASN A 261 1.20 -12.34 -5.82
CA ASN A 261 1.52 -13.57 -6.55
C ASN A 261 1.63 -14.66 -5.49
N LYS A 262 0.85 -15.72 -5.65
CA LYS A 262 0.91 -16.87 -4.76
C LYS A 262 1.16 -18.19 -5.51
N THR A 263 1.62 -18.08 -6.76
CA THR A 263 1.80 -19.26 -7.63
C THR A 263 3.20 -19.44 -8.23
N GLY A 264 4.02 -18.39 -8.21
CA GLY A 264 5.37 -18.49 -8.77
C GLY A 264 6.37 -19.22 -7.90
N LYS A 265 7.64 -19.18 -8.29
CA LYS A 265 8.73 -19.80 -7.54
C LYS A 265 8.75 -19.25 -6.11
N PRO A 266 8.85 -20.15 -5.11
CA PRO A 266 8.75 -19.72 -3.70
C PRO A 266 9.70 -18.58 -3.30
N ASP A 267 10.92 -18.53 -3.81
CA ASP A 267 11.83 -17.46 -3.42
C ASP A 267 11.89 -16.36 -4.46
N ASP A 268 11.05 -16.43 -5.49
CA ASP A 268 10.81 -15.24 -6.33
C ASP A 268 10.17 -14.18 -5.42
N TYR A 269 10.26 -12.89 -5.80
CA TYR A 269 9.92 -11.86 -4.84
C TYR A 269 9.57 -10.51 -5.44
N VAL A 270 8.99 -9.64 -4.60
CA VAL A 270 8.85 -8.23 -4.95
C VAL A 270 9.71 -7.41 -3.99
N GLN A 271 10.22 -6.28 -4.46
CA GLN A 271 11.01 -5.39 -3.63
C GLN A 271 10.83 -3.97 -4.11
N ALA A 272 10.68 -3.04 -3.17
CA ALA A 272 10.65 -1.61 -3.47
C ALA A 272 11.43 -0.84 -2.43
N THR A 273 12.02 0.29 -2.84
CA THR A 273 12.83 1.12 -1.95
C THR A 273 12.14 2.47 -1.84
N PHE A 274 11.74 2.85 -0.63
CA PHE A 274 11.07 4.12 -0.39
C PHE A 274 12.07 5.17 0.13
N TYR A 275 12.20 6.28 -0.58
CA TYR A 275 13.11 7.37 -0.19
C TYR A 275 12.40 8.44 0.61
N ARG A 276 11.08 8.47 0.47
CA ARG A 276 10.26 9.40 1.23
C ARG A 276 8.92 8.76 1.47
N LEU A 277 8.39 8.93 2.68
CA LEU A 277 7.05 8.42 2.98
C LEU A 277 6.40 9.32 4.00
N LYS A 278 5.34 10.02 3.61
CA LYS A 278 4.71 10.96 4.53
C LYS A 278 3.19 10.87 4.49
N ALA A 279 2.59 10.61 5.64
CA ALA A 279 1.13 10.63 5.76
C ALA A 279 0.73 11.83 6.60
N THR A 280 -0.20 12.63 6.07
CA THR A 280 -0.71 13.81 6.76
C THR A 280 -2.23 13.81 6.83
N HIS A 281 -2.76 14.60 7.76
CA HIS A 281 -4.20 14.67 8.02
C HIS A 281 -4.61 16.07 8.46
N GLY A 282 -5.90 16.37 8.42
CA GLY A 282 -6.39 17.65 8.90
C GLY A 282 -6.54 18.67 7.78
N ALA A 283 -7.27 19.75 8.06
CA ALA A 283 -7.59 20.74 7.03
C ALA A 283 -6.38 21.59 6.65
N GLN A 284 -5.40 21.68 7.53
CA GLN A 284 -4.24 22.53 7.30
C GLN A 284 -3.11 21.85 6.54
N ARG A 285 -3.28 20.56 6.23
CA ARG A 285 -2.23 19.81 5.57
C ARG A 285 -2.02 20.27 4.14
#